data_6V8L
#
_entry.id   6V8L
#
_cell.length_a   39.913
_cell.length_b   110.565
_cell.length_c   65.772
_cell.angle_alpha   90.000
_cell.angle_beta   96.580
_cell.angle_gamma   90.000
#
_symmetry.space_group_name_H-M   'P 1 21 1'
#
loop_
_entity.id
_entity.type
_entity.pdbx_description
1 polymer 'Ara h 8 allergen isoform'
2 non-polymer 'SULFATE ION'
3 non-polymer 'icosanoic acid'
4 water water
#
_entity_poly.entity_id   1
_entity_poly.type   'polypeptide(L)'
_entity_poly.pdbx_seq_one_letter_code
;MGVHTFEEESTSPVPPAKLFKATVVDGDELTPKLIPAIQSIEIVEGNGGPGTVKKVTAVEDGKTSYVLHKIDAIDEATYT
YDYTISGGTGFQEILEKVSFKTKLEAADGGSKIKVSVTFHTKGDAPLPDEVHQDVKQKSQGIFKAIEGYVLSN
;
_entity_poly.pdbx_strand_id   A,B,C,D
#
# COMPACT_ATOMS: atom_id res chain seq x y z
N GLY A 2 -31.30 4.43 -25.80
CA GLY A 2 -30.46 4.23 -27.03
C GLY A 2 -29.19 3.49 -26.72
N VAL A 3 -28.59 2.92 -27.76
CA VAL A 3 -27.37 2.15 -27.61
C VAL A 3 -26.25 2.80 -28.41
N HIS A 4 -25.18 3.12 -27.70
CA HIS A 4 -23.96 3.75 -28.28
C HIS A 4 -22.76 2.87 -27.98
N THR A 5 -22.07 2.42 -29.01
CA THR A 5 -20.95 1.49 -28.85
C THR A 5 -19.66 2.12 -29.34
N PHE A 6 -18.59 1.81 -28.61
CA PHE A 6 -17.24 2.10 -29.00
C PHE A 6 -16.39 0.83 -28.83
N GLU A 7 -15.26 0.78 -29.53
CA GLU A 7 -14.32 -0.33 -29.49
C GLU A 7 -12.91 0.25 -29.37
N GLU A 8 -12.04 -0.43 -28.61
CA GLU A 8 -10.62 -0.16 -28.69
C GLU A 8 -9.86 -1.48 -28.74
N GLU A 9 -8.83 -1.54 -29.59
CA GLU A 9 -7.82 -2.58 -29.54
C GLU A 9 -6.50 -1.94 -29.13
N SER A 10 -5.75 -2.61 -28.26
CA SER A 10 -4.46 -2.13 -27.79
C SER A 10 -3.57 -3.33 -27.44
N THR A 11 -2.35 -3.07 -26.95
CA THR A 11 -1.40 -4.10 -26.62
C THR A 11 -0.83 -3.78 -25.25
N SER A 12 -0.31 -4.83 -24.58
CA SER A 12 0.44 -4.71 -23.35
C SER A 12 1.66 -5.62 -23.44
N PRO A 13 2.81 -5.25 -22.83
CA PRO A 13 3.92 -6.18 -22.66
C PRO A 13 3.61 -7.32 -21.69
N VAL A 14 2.57 -7.17 -20.87
CA VAL A 14 2.19 -8.16 -19.89
C VAL A 14 1.48 -9.29 -20.60
N PRO A 15 1.94 -10.56 -20.43
CA PRO A 15 1.23 -11.69 -21.02
C PRO A 15 -0.17 -11.79 -20.44
N PRO A 16 -1.13 -12.42 -21.14
CA PRO A 16 -2.55 -12.28 -20.79
C PRO A 16 -2.93 -12.94 -19.45
N ALA A 17 -2.32 -14.08 -19.10
CA ALA A 17 -2.68 -14.78 -17.88
C ALA A 17 -2.36 -13.87 -16.67
N LYS A 18 -1.17 -13.27 -16.68
CA LYS A 18 -0.74 -12.33 -15.63
C LYS A 18 -1.62 -11.08 -15.61
N LEU A 19 -1.96 -10.59 -16.80
CA LEU A 19 -2.76 -9.37 -16.93
C LEU A 19 -4.20 -9.63 -16.49
N PHE A 20 -4.72 -10.80 -16.88
CA PHE A 20 -6.08 -11.19 -16.52
C PHE A 20 -6.16 -11.39 -15.00
N LYS A 21 -5.14 -12.04 -14.44
CA LYS A 21 -5.10 -12.32 -13.03
C LYS A 21 -5.16 -11.03 -12.25
N ALA A 22 -4.34 -10.05 -12.65
CA ALA A 22 -4.28 -8.80 -11.91
C ALA A 22 -5.54 -7.98 -12.16
N THR A 23 -6.05 -7.93 -13.40
CA THR A 23 -7.15 -6.99 -13.70
C THR A 23 -8.50 -7.58 -13.29
N VAL A 24 -8.67 -8.90 -13.37
CA VAL A 24 -9.96 -9.50 -13.18
C VAL A 24 -9.99 -10.27 -11.86
N VAL A 25 -9.07 -11.21 -11.67
CA VAL A 25 -9.09 -12.11 -10.51
C VAL A 25 -8.73 -11.34 -9.23
N ASP A 26 -7.70 -10.49 -9.30
CA ASP A 26 -7.16 -9.76 -8.15
C ASP A 26 -7.55 -8.28 -8.16
N GLY A 27 -8.40 -7.88 -9.14
CA GLY A 27 -8.70 -6.47 -9.38
C GLY A 27 -9.37 -5.77 -8.20
N ASP A 28 -10.27 -6.49 -7.54
CA ASP A 28 -11.03 -5.96 -6.40
C ASP A 28 -10.07 -5.55 -5.27
N GLU A 29 -9.01 -6.36 -5.04
CA GLU A 29 -8.02 -6.08 -3.98
C GLU A 29 -7.01 -5.02 -4.44
N LEU A 30 -6.57 -5.05 -5.71
CA LEU A 30 -5.51 -4.15 -6.17
C LEU A 30 -6.00 -2.71 -6.33
N THR A 31 -7.25 -2.52 -6.78
CA THR A 31 -7.67 -1.21 -7.26
C THR A 31 -7.65 -0.17 -6.13
N PRO A 32 -8.28 -0.41 -4.95
CA PRO A 32 -8.25 0.59 -3.87
C PRO A 32 -6.84 0.96 -3.41
N LYS A 33 -5.92 -0.02 -3.48
CA LYS A 33 -4.51 0.17 -3.12
C LYS A 33 -3.82 1.10 -4.13
N LEU A 34 -4.13 0.99 -5.43
CA LEU A 34 -3.38 1.71 -6.49
C LEU A 34 -4.03 3.04 -6.90
N ILE A 35 -5.34 3.21 -6.65
CA ILE A 35 -6.06 4.41 -7.09
C ILE A 35 -6.56 5.15 -5.86
N PRO A 36 -5.98 6.32 -5.49
CA PRO A 36 -6.40 7.05 -4.29
C PRO A 36 -7.92 7.29 -4.20
N ALA A 37 -8.51 7.73 -5.31
CA ALA A 37 -9.91 8.15 -5.40
C ALA A 37 -10.89 6.99 -5.11
N ILE A 38 -10.46 5.73 -5.30
CA ILE A 38 -11.34 4.58 -5.06
C ILE A 38 -11.09 4.07 -3.65
N GLN A 39 -12.14 4.12 -2.82
CA GLN A 39 -12.01 3.80 -1.39
C GLN A 39 -12.09 2.27 -1.17
N SER A 40 -12.96 1.58 -1.92
CA SER A 40 -13.22 0.16 -1.68
C SER A 40 -14.13 -0.43 -2.77
N ILE A 41 -14.05 -1.76 -2.90
CA ILE A 41 -14.82 -2.56 -3.82
C ILE A 41 -15.35 -3.75 -3.03
N GLU A 42 -16.64 -3.71 -2.72
CA GLU A 42 -17.28 -4.76 -1.88
C GLU A 42 -18.22 -5.63 -2.69
N ILE A 43 -18.01 -6.94 -2.65
CA ILE A 43 -18.93 -7.88 -3.23
C ILE A 43 -20.17 -7.89 -2.34
N VAL A 44 -21.35 -7.69 -2.94
CA VAL A 44 -22.61 -7.70 -2.20
C VAL A 44 -23.50 -8.88 -2.65
N GLU A 45 -23.11 -9.57 -3.73
CA GLU A 45 -23.88 -10.70 -4.20
C GLU A 45 -22.94 -11.61 -5.00
N GLY A 46 -23.01 -12.91 -4.76
CA GLY A 46 -22.29 -13.92 -5.54
C GLY A 46 -20.87 -14.10 -5.04
N ASN A 47 -20.13 -14.99 -5.73
CA ASN A 47 -18.83 -15.48 -5.26
C ASN A 47 -17.70 -15.07 -6.22
N GLY A 48 -18.01 -14.32 -7.30
CA GLY A 48 -17.02 -13.94 -8.29
C GLY A 48 -17.32 -14.53 -9.65
N GLY A 49 -18.36 -15.36 -9.77
CA GLY A 49 -18.86 -15.84 -11.07
C GLY A 49 -19.92 -14.90 -11.66
N PRO A 50 -20.51 -15.22 -12.84
CA PRO A 50 -21.54 -14.37 -13.43
C PRO A 50 -22.68 -14.18 -12.44
N GLY A 51 -23.23 -12.96 -12.40
CA GLY A 51 -24.27 -12.59 -11.45
C GLY A 51 -23.69 -11.81 -10.27
N THR A 52 -22.39 -11.94 -10.03
CA THR A 52 -21.73 -11.26 -8.92
C THR A 52 -21.97 -9.76 -9.02
N VAL A 53 -22.32 -9.12 -7.90
CA VAL A 53 -22.47 -7.67 -7.87
C VAL A 53 -21.49 -7.06 -6.87
N LYS A 54 -20.80 -6.01 -7.34
CA LYS A 54 -19.81 -5.31 -6.56
C LYS A 54 -20.24 -3.83 -6.43
N LYS A 55 -19.98 -3.28 -5.25
CA LYS A 55 -20.21 -1.88 -4.96
C LYS A 55 -18.84 -1.21 -4.98
N VAL A 56 -18.65 -0.24 -5.87
CA VAL A 56 -17.36 0.42 -6.03
C VAL A 56 -17.50 1.85 -5.51
N THR A 57 -16.83 2.12 -4.37
CA THR A 57 -16.98 3.37 -3.67
C THR A 57 -15.76 4.25 -3.98
N ALA A 58 -16.02 5.52 -4.29
CA ALA A 58 -14.99 6.51 -4.61
C ALA A 58 -15.24 7.81 -3.83
N SER A 65 -19.23 8.78 -3.23
CA SER A 65 -20.27 8.19 -4.06
C SER A 65 -19.87 6.78 -4.50
N TYR A 66 -20.76 6.05 -5.15
CA TYR A 66 -20.46 4.69 -5.56
C TYR A 66 -21.26 4.32 -6.83
N VAL A 67 -20.83 3.25 -7.52
CA VAL A 67 -21.56 2.61 -8.62
C VAL A 67 -21.58 1.10 -8.37
N LEU A 68 -22.49 0.38 -9.03
CA LEU A 68 -22.54 -1.09 -8.98
C LEU A 68 -21.99 -1.70 -10.28
N HIS A 69 -21.19 -2.76 -10.10
CA HIS A 69 -20.58 -3.55 -11.20
C HIS A 69 -21.19 -4.95 -11.15
N LYS A 70 -21.76 -5.42 -12.24
CA LYS A 70 -22.30 -6.75 -12.30
C LYS A 70 -21.50 -7.56 -13.31
N ILE A 71 -21.08 -8.77 -12.91
CA ILE A 71 -20.35 -9.66 -13.81
C ILE A 71 -21.35 -10.30 -14.77
N ASP A 72 -21.14 -10.07 -16.07
CA ASP A 72 -21.97 -10.66 -17.15
C ASP A 72 -21.35 -11.95 -17.66
N ALA A 73 -20.03 -11.99 -17.79
CA ALA A 73 -19.34 -13.23 -18.18
C ALA A 73 -17.90 -13.17 -17.67
N ILE A 74 -17.36 -14.34 -17.33
CA ILE A 74 -16.00 -14.46 -16.90
C ILE A 74 -15.47 -15.80 -17.38
N ASP A 75 -14.33 -15.77 -18.10
CA ASP A 75 -13.67 -17.03 -18.49
C ASP A 75 -12.16 -16.85 -18.51
N GLU A 76 -11.47 -17.45 -17.52
CA GLU A 76 -10.00 -17.44 -17.42
C GLU A 76 -9.35 -17.96 -18.72
N ALA A 77 -9.89 -19.06 -19.25
CA ALA A 77 -9.26 -19.78 -20.36
C ALA A 77 -9.19 -18.93 -21.64
N THR A 78 -10.19 -18.08 -21.87
CA THR A 78 -10.25 -17.25 -23.08
C THR A 78 -9.95 -15.78 -22.73
N TYR A 79 -9.61 -15.51 -21.47
CA TYR A 79 -9.26 -14.17 -20.94
C TYR A 79 -10.42 -13.20 -21.17
N THR A 80 -11.65 -13.69 -20.93
CA THR A 80 -12.89 -12.97 -21.15
C THR A 80 -13.43 -12.45 -19.82
N TYR A 81 -13.74 -11.15 -19.76
CA TYR A 81 -14.44 -10.53 -18.64
C TYR A 81 -15.37 -9.43 -19.20
N ASP A 82 -16.67 -9.67 -19.00
CA ASP A 82 -17.73 -8.80 -19.42
C ASP A 82 -18.48 -8.39 -18.16
N TYR A 83 -18.75 -7.10 -18.03
CA TYR A 83 -19.36 -6.55 -16.82
C TYR A 83 -20.15 -5.30 -17.19
N THR A 84 -21.13 -4.97 -16.34
CA THR A 84 -22.03 -3.88 -16.54
C THR A 84 -21.98 -2.98 -15.31
N ILE A 85 -21.80 -1.69 -15.54
CA ILE A 85 -21.89 -0.68 -14.53
C ILE A 85 -23.28 0.00 -14.62
N SER A 86 -23.91 0.18 -13.47
CA SER A 86 -25.17 0.90 -13.34
C SER A 86 -25.36 1.33 -11.89
N GLY A 87 -26.29 2.25 -11.65
CA GLY A 87 -26.83 2.51 -10.36
C GLY A 87 -25.84 3.19 -9.43
N GLY A 88 -26.35 3.54 -8.26
CA GLY A 88 -25.57 4.22 -7.23
C GLY A 88 -25.57 5.72 -7.42
N THR A 89 -25.01 6.40 -6.42
CA THR A 89 -25.01 7.84 -6.31
C THR A 89 -24.00 8.47 -7.28
N GLY A 90 -23.05 7.68 -7.80
CA GLY A 90 -21.98 8.18 -8.67
C GLY A 90 -22.30 8.02 -10.16
N PHE A 91 -23.45 7.43 -10.48
CA PHE A 91 -23.77 7.12 -11.87
C PHE A 91 -24.50 8.28 -12.52
N GLN A 92 -24.12 8.60 -13.76
CA GLN A 92 -24.73 9.71 -14.54
C GLN A 92 -26.21 9.41 -14.78
N GLU A 93 -27.03 10.46 -14.71
CA GLU A 93 -28.51 10.37 -14.69
C GLU A 93 -29.04 9.99 -16.07
N ILE A 94 -28.31 10.34 -17.15
CA ILE A 94 -28.72 10.07 -18.55
C ILE A 94 -28.52 8.59 -18.94
N LEU A 95 -27.75 7.84 -18.15
CA LEU A 95 -27.37 6.46 -18.47
C LEU A 95 -28.24 5.48 -17.71
N GLU A 96 -28.71 4.42 -18.38
CA GLU A 96 -29.27 3.25 -17.73
C GLU A 96 -28.13 2.36 -17.22
N LYS A 97 -27.15 2.06 -18.09
CA LYS A 97 -26.05 1.14 -17.77
C LYS A 97 -24.97 1.25 -18.85
N VAL A 98 -23.77 0.80 -18.53
CA VAL A 98 -22.67 0.72 -19.48
C VAL A 98 -22.15 -0.71 -19.43
N SER A 99 -22.19 -1.41 -20.56
CA SER A 99 -21.76 -2.80 -20.62
C SER A 99 -20.42 -2.88 -21.35
N PHE A 100 -19.45 -3.49 -20.66
CA PHE A 100 -18.12 -3.69 -21.16
C PHE A 100 -17.93 -5.15 -21.54
N LYS A 101 -17.32 -5.40 -22.70
CA LYS A 101 -16.84 -6.72 -23.06
C LYS A 101 -15.34 -6.62 -23.32
N THR A 102 -14.57 -7.43 -22.57
CA THR A 102 -13.12 -7.34 -22.65
C THR A 102 -12.57 -8.74 -22.92
N LYS A 103 -11.52 -8.78 -23.74
CA LYS A 103 -10.88 -10.03 -24.09
C LYS A 103 -9.39 -9.77 -24.34
N LEU A 104 -8.53 -10.63 -23.78
CA LEU A 104 -7.08 -10.59 -24.04
C LEU A 104 -6.73 -11.79 -24.92
N GLU A 105 -5.63 -11.69 -25.66
CA GLU A 105 -5.07 -12.84 -26.40
C GLU A 105 -3.55 -12.65 -26.43
N ALA A 106 -2.82 -13.78 -26.51
CA ALA A 106 -1.35 -13.76 -26.53
C ALA A 106 -0.90 -12.98 -27.77
N ALA A 107 0.17 -12.19 -27.62
CA ALA A 107 0.82 -11.52 -28.75
C ALA A 107 2.27 -11.17 -28.40
N ASP A 108 3.22 -11.88 -29.03
CA ASP A 108 4.66 -11.57 -28.98
C ASP A 108 5.16 -11.53 -27.53
N GLY A 109 4.75 -12.52 -26.71
CA GLY A 109 5.10 -12.58 -25.27
C GLY A 109 4.33 -11.60 -24.39
N GLY A 110 3.46 -10.77 -24.99
CA GLY A 110 2.58 -9.85 -24.27
C GLY A 110 1.13 -10.15 -24.58
N SER A 111 0.27 -9.13 -24.58
CA SER A 111 -1.16 -9.28 -24.82
C SER A 111 -1.61 -8.34 -25.94
N LYS A 112 -2.60 -8.80 -26.70
CA LYS A 112 -3.52 -7.93 -27.43
C LYS A 112 -4.79 -7.80 -26.57
N ILE A 113 -5.33 -6.58 -26.47
CA ILE A 113 -6.47 -6.24 -25.61
C ILE A 113 -7.59 -5.69 -26.51
N LYS A 114 -8.78 -6.29 -26.45
CA LYS A 114 -9.96 -5.75 -27.12
C LYS A 114 -11.02 -5.40 -26.07
N VAL A 115 -11.47 -4.13 -26.07
CA VAL A 115 -12.58 -3.72 -25.29
C VAL A 115 -13.67 -3.16 -26.21
N SER A 116 -14.91 -3.64 -26.00
CA SER A 116 -16.11 -3.17 -26.62
C SER A 116 -17.03 -2.61 -25.52
N VAL A 117 -17.53 -1.39 -25.69
CA VAL A 117 -18.31 -0.72 -24.67
C VAL A 117 -19.64 -0.29 -25.28
N THR A 118 -20.75 -0.61 -24.60
CA THR A 118 -22.07 -0.24 -24.99
C THR A 118 -22.66 0.64 -23.87
N PHE A 119 -22.89 1.91 -24.18
CA PHE A 119 -23.64 2.80 -23.34
C PHE A 119 -25.12 2.66 -23.67
N HIS A 120 -25.93 2.44 -22.63
CA HIS A 120 -27.35 2.38 -22.76
C HIS A 120 -27.91 3.66 -22.12
N THR A 121 -28.46 4.55 -22.96
CA THR A 121 -29.03 5.81 -22.48
C THR A 121 -30.53 5.64 -22.21
N LYS A 122 -31.07 6.50 -21.34
CA LYS A 122 -32.52 6.57 -21.11
C LYS A 122 -33.19 7.06 -22.40
N GLY A 123 -34.34 6.49 -22.72
CA GLY A 123 -35.09 6.91 -23.87
C GLY A 123 -34.29 6.71 -25.14
N ASP A 124 -34.32 7.69 -26.03
CA ASP A 124 -33.63 7.64 -27.33
C ASP A 124 -32.49 8.69 -27.32
N ALA A 125 -32.00 9.05 -26.12
CA ALA A 125 -30.98 10.09 -25.93
C ALA A 125 -29.68 9.68 -26.60
N PRO A 126 -29.03 10.58 -27.38
CA PRO A 126 -27.61 10.46 -27.69
C PRO A 126 -26.75 10.45 -26.40
N LEU A 127 -25.52 10.02 -26.58
CA LEU A 127 -24.57 9.97 -25.50
C LEU A 127 -23.75 11.26 -25.52
N PRO A 128 -23.84 12.12 -24.47
CA PRO A 128 -23.02 13.33 -24.43
C PRO A 128 -21.53 12.98 -24.36
N ASP A 129 -20.69 13.77 -25.02
CA ASP A 129 -19.27 13.48 -25.09
C ASP A 129 -18.68 13.46 -23.68
N GLU A 130 -19.18 14.30 -22.79
CA GLU A 130 -18.67 14.40 -21.43
C GLU A 130 -18.87 13.09 -20.64
N VAL A 131 -20.02 12.44 -20.84
CA VAL A 131 -20.32 11.17 -20.15
C VAL A 131 -19.46 10.04 -20.71
N HIS A 132 -19.34 9.99 -22.03
CA HIS A 132 -18.47 9.05 -22.69
C HIS A 132 -17.06 9.14 -22.11
N GLN A 133 -16.50 10.37 -22.07
CA GLN A 133 -15.12 10.53 -21.70
C GLN A 133 -14.94 10.21 -20.22
N ASP A 134 -15.91 10.58 -19.38
CA ASP A 134 -15.83 10.30 -17.94
C ASP A 134 -15.69 8.80 -17.67
N VAL A 135 -16.58 8.03 -18.29
CA VAL A 135 -16.61 6.59 -18.12
C VAL A 135 -15.35 5.94 -18.71
N LYS A 136 -14.94 6.34 -19.92
CA LYS A 136 -13.71 5.87 -20.57
C LYS A 136 -12.48 6.14 -19.70
N GLN A 137 -12.35 7.36 -19.18
CA GLN A 137 -11.19 7.73 -18.43
C GLN A 137 -11.13 6.90 -17.13
N LYS A 138 -12.25 6.73 -16.46
CA LYS A 138 -12.23 5.98 -15.20
C LYS A 138 -11.87 4.52 -15.47
N SER A 139 -12.48 3.90 -16.49
CA SER A 139 -12.25 2.50 -16.74
C SER A 139 -10.83 2.25 -17.28
N GLN A 140 -10.34 3.10 -18.18
CA GLN A 140 -8.93 2.95 -18.68
C GLN A 140 -7.92 3.24 -17.57
N GLY A 141 -8.25 4.19 -16.69
CA GLY A 141 -7.38 4.54 -15.61
C GLY A 141 -7.12 3.37 -14.68
N ILE A 142 -8.19 2.66 -14.31
CA ILE A 142 -8.06 1.51 -13.46
C ILE A 142 -7.22 0.45 -14.16
N PHE A 143 -7.53 0.18 -15.43
CA PHE A 143 -6.83 -0.85 -16.16
C PHE A 143 -5.34 -0.53 -16.25
N LYS A 144 -5.00 0.71 -16.62
CA LYS A 144 -3.62 1.16 -16.84
C LYS A 144 -2.85 1.18 -15.53
N ALA A 145 -3.51 1.54 -14.41
CA ALA A 145 -2.86 1.51 -13.11
C ALA A 145 -2.44 0.08 -12.75
N ILE A 146 -3.37 -0.88 -12.92
CA ILE A 146 -3.08 -2.27 -12.61
C ILE A 146 -1.98 -2.81 -13.53
N GLU A 147 -2.08 -2.51 -14.81
CA GLU A 147 -1.10 -2.93 -15.81
C GLU A 147 0.30 -2.45 -15.41
N GLY A 148 0.41 -1.15 -15.03
CA GLY A 148 1.64 -0.56 -14.61
C GLY A 148 2.21 -1.23 -13.38
N TYR A 149 1.32 -1.56 -12.44
CA TYR A 149 1.69 -2.26 -11.23
C TYR A 149 2.32 -3.62 -11.59
N VAL A 150 1.67 -4.37 -12.49
CA VAL A 150 2.13 -5.71 -12.87
C VAL A 150 3.48 -5.63 -13.57
N LEU A 151 3.66 -4.62 -14.44
CA LEU A 151 4.94 -4.40 -15.12
C LEU A 151 6.05 -4.14 -14.10
N SER A 152 5.73 -3.46 -12.99
CA SER A 152 6.72 -2.96 -12.02
C SER A 152 7.08 -4.01 -10.96
N ASN A 153 6.19 -4.99 -10.76
CA ASN A 153 6.33 -5.97 -9.67
C ASN A 153 6.43 -7.35 -10.33
N GLY B 2 29.28 -2.51 30.51
CA GLY B 2 28.10 -2.40 31.42
C GLY B 2 26.92 -3.14 30.81
N VAL B 3 25.99 -3.55 31.67
CA VAL B 3 24.79 -4.26 31.24
C VAL B 3 23.58 -3.44 31.67
N HIS B 4 22.72 -3.11 30.70
CA HIS B 4 21.55 -2.26 30.90
C HIS B 4 20.29 -2.97 30.38
N THR B 5 19.37 -3.28 31.31
CA THR B 5 18.21 -4.11 31.02
C THR B 5 16.93 -3.29 31.04
N PHE B 6 16.05 -3.54 30.06
CA PHE B 6 14.71 -2.98 29.98
C PHE B 6 13.70 -4.09 29.75
N GLU B 7 12.51 -3.95 30.34
CA GLU B 7 11.44 -4.96 30.20
C GLU B 7 10.18 -4.22 29.74
N GLU B 8 9.48 -4.79 28.76
CA GLU B 8 8.28 -4.13 28.19
C GLU B 8 7.23 -5.20 27.98
N GLU B 9 5.98 -4.90 28.37
CA GLU B 9 4.85 -5.75 28.10
C GLU B 9 3.91 -4.92 27.21
N SER B 10 3.35 -5.56 26.17
CA SER B 10 2.33 -4.92 25.35
C SER B 10 1.33 -5.97 24.85
N THR B 11 0.34 -5.52 24.08
CA THR B 11 -0.70 -6.40 23.57
C THR B 11 -0.82 -6.18 22.06
N SER B 12 -1.34 -7.18 21.37
CA SER B 12 -1.69 -7.13 19.94
C SER B 12 -3.06 -7.77 19.78
N PRO B 13 -3.91 -7.26 18.88
CA PRO B 13 -5.10 -8.00 18.46
C PRO B 13 -4.81 -9.32 17.69
N VAL B 14 -3.59 -9.47 17.18
CA VAL B 14 -3.22 -10.63 16.39
C VAL B 14 -2.95 -11.78 17.35
N PRO B 15 -3.62 -12.95 17.19
CA PRO B 15 -3.32 -14.11 18.02
C PRO B 15 -1.88 -14.56 17.78
N PRO B 16 -1.27 -15.27 18.74
CA PRO B 16 0.18 -15.45 18.76
C PRO B 16 0.75 -16.32 17.62
N ALA B 17 0.03 -17.36 17.21
CA ALA B 17 0.57 -18.25 16.15
C ALA B 17 0.77 -17.44 14.87
N LYS B 18 -0.23 -16.64 14.51
CA LYS B 18 -0.18 -15.78 13.33
C LYS B 18 0.93 -14.73 13.46
N LEU B 19 1.03 -14.15 14.65
CA LEU B 19 1.96 -13.08 14.90
C LEU B 19 3.39 -13.64 14.90
N PHE B 20 3.56 -14.82 15.50
CA PHE B 20 4.87 -15.44 15.58
C PHE B 20 5.33 -15.82 14.15
N LYS B 21 4.40 -16.37 13.37
CA LYS B 21 4.73 -16.81 12.03
C LYS B 21 5.25 -15.62 11.21
N ALA B 22 4.55 -14.49 11.28
CA ALA B 22 4.93 -13.36 10.49
C ALA B 22 6.22 -12.73 11.03
N THR B 23 6.34 -12.59 12.36
CA THR B 23 7.46 -11.81 12.92
C THR B 23 8.74 -12.63 12.97
N VAL B 24 8.64 -13.93 13.20
CA VAL B 24 9.80 -14.76 13.42
C VAL B 24 10.05 -15.66 12.21
N VAL B 25 9.06 -16.46 11.80
CA VAL B 25 9.28 -17.47 10.73
C VAL B 25 9.44 -16.78 9.37
N ASP B 26 8.59 -15.77 9.08
CA ASP B 26 8.54 -15.09 7.77
C ASP B 26 9.20 -13.69 7.84
N GLY B 27 9.78 -13.34 9.01
CA GLY B 27 10.34 -12.02 9.25
C GLY B 27 11.45 -11.60 8.28
N ASP B 28 12.32 -12.56 7.92
CA ASP B 28 13.44 -12.31 7.02
C ASP B 28 12.92 -11.84 5.65
N GLU B 29 11.82 -12.42 5.18
CA GLU B 29 11.22 -12.06 3.88
C GLU B 29 10.42 -10.74 4.01
N LEU B 30 9.67 -10.56 5.12
CA LEU B 30 8.71 -9.45 5.20
C LEU B 30 9.43 -8.11 5.45
N THR B 31 10.50 -8.13 6.25
CA THR B 31 11.07 -6.90 6.76
C THR B 31 11.57 -6.00 5.63
N PRO B 32 12.45 -6.45 4.69
CA PRO B 32 12.97 -5.56 3.66
C PRO B 32 11.86 -4.96 2.78
N LYS B 33 10.78 -5.75 2.58
CA LYS B 33 9.62 -5.37 1.80
C LYS B 33 8.87 -4.22 2.48
N LEU B 34 8.72 -4.26 3.82
CA LEU B 34 7.84 -3.31 4.54
C LEU B 34 8.62 -2.10 5.10
N ILE B 35 9.93 -2.22 5.34
CA ILE B 35 10.69 -1.15 6.03
C ILE B 35 11.72 -0.57 5.06
N PRO B 36 11.52 0.69 4.59
CA PRO B 36 12.36 1.24 3.53
C PRO B 36 13.86 1.18 3.85
N ALA B 37 14.23 1.53 5.09
CA ALA B 37 15.65 1.71 5.45
C ALA B 37 16.41 0.38 5.45
N ILE B 38 15.70 -0.76 5.53
CA ILE B 38 16.35 -2.07 5.56
C ILE B 38 16.42 -2.64 4.14
N GLN B 39 17.65 -2.80 3.65
CA GLN B 39 17.93 -3.13 2.26
C GLN B 39 17.88 -4.64 2.04
N SER B 40 18.32 -5.43 3.03
CA SER B 40 18.37 -6.88 2.89
C SER B 40 18.67 -7.57 4.22
N ILE B 41 18.25 -8.84 4.33
CA ILE B 41 18.51 -9.72 5.43
C ILE B 41 19.00 -11.04 4.87
N GLU B 42 20.31 -11.28 5.01
CA GLU B 42 20.98 -12.44 4.42
C GLU B 42 21.37 -13.40 5.55
N ILE B 43 20.99 -14.68 5.40
CA ILE B 43 21.49 -15.71 6.29
C ILE B 43 22.92 -15.98 5.88
N VAL B 44 23.86 -15.94 6.83
CA VAL B 44 25.28 -16.27 6.52
C VAL B 44 25.71 -17.54 7.25
N GLU B 45 24.88 -18.04 8.19
CA GLU B 45 25.23 -19.22 8.92
C GLU B 45 23.93 -19.84 9.44
N GLY B 46 23.84 -21.18 9.31
CA GLY B 46 22.77 -21.95 9.92
C GLY B 46 21.50 -21.97 9.07
N ASN B 47 20.46 -22.60 9.60
CA ASN B 47 19.29 -23.01 8.84
C ASN B 47 18.00 -22.33 9.33
N GLY B 48 18.11 -21.44 10.33
CA GLY B 48 16.97 -20.81 10.96
C GLY B 48 16.78 -21.25 12.41
N GLY B 49 17.58 -22.23 12.87
CA GLY B 49 17.58 -22.67 14.27
C GLY B 49 18.57 -21.86 15.11
N PRO B 50 18.74 -22.18 16.42
CA PRO B 50 19.68 -21.43 17.27
C PRO B 50 21.09 -21.51 16.67
N GLY B 51 21.83 -20.40 16.73
CA GLY B 51 23.12 -20.27 16.13
C GLY B 51 23.09 -19.64 14.75
N THR B 52 21.91 -19.59 14.12
CA THR B 52 21.74 -18.93 12.83
C THR B 52 22.22 -17.48 12.94
N VAL B 53 23.00 -17.03 11.94
CA VAL B 53 23.47 -15.66 11.90
C VAL B 53 22.97 -15.00 10.61
N LYS B 54 22.40 -13.81 10.79
CA LYS B 54 21.90 -13.00 9.70
C LYS B 54 22.70 -11.70 9.64
N LYS B 55 22.97 -11.26 8.40
CA LYS B 55 23.44 -9.93 8.15
C LYS B 55 22.24 -9.05 7.75
N VAL B 56 22.03 -7.98 8.50
CA VAL B 56 20.96 -7.06 8.22
C VAL B 56 21.56 -5.76 7.70
N THR B 57 21.33 -5.48 6.40
CA THR B 57 21.86 -4.29 5.76
C THR B 57 20.79 -3.19 5.76
N ALA B 58 21.18 -1.96 6.14
CA ALA B 58 20.30 -0.82 6.17
C ALA B 58 21.00 0.40 5.56
N VAL B 59 20.17 1.34 5.07
CA VAL B 59 20.61 2.63 4.52
C VAL B 59 20.04 3.75 5.40
N GLU B 60 20.89 4.75 5.67
CA GLU B 60 20.51 5.95 6.41
C GLU B 60 21.42 7.10 5.93
N ASP B 61 20.82 8.26 5.64
CA ASP B 61 21.53 9.45 5.12
C ASP B 61 22.31 9.11 3.84
N GLY B 62 21.76 8.24 2.99
CA GLY B 62 22.44 7.76 1.77
C GLY B 62 23.73 7.00 2.08
N LYS B 63 23.85 6.47 3.31
CA LYS B 63 25.00 5.71 3.81
C LYS B 63 24.52 4.32 4.26
N THR B 64 25.20 3.27 3.75
CA THR B 64 24.90 1.89 4.05
C THR B 64 25.73 1.44 5.25
N SER B 65 25.12 0.61 6.10
CA SER B 65 25.78 -0.13 7.15
C SER B 65 25.01 -1.43 7.42
N TYR B 66 25.57 -2.29 8.28
CA TYR B 66 24.90 -3.54 8.59
C TYR B 66 25.27 -4.02 9.99
N VAL B 67 24.41 -4.87 10.54
CA VAL B 67 24.46 -5.41 11.90
C VAL B 67 24.24 -6.93 11.77
N LEU B 68 24.75 -7.69 12.74
CA LEU B 68 24.59 -9.16 12.75
C LEU B 68 23.57 -9.56 13.80
N HIS B 69 22.65 -10.45 13.38
CA HIS B 69 21.53 -10.96 14.21
C HIS B 69 21.77 -12.44 14.45
N LYS B 70 21.97 -12.85 15.71
CA LYS B 70 22.21 -14.22 16.04
C LYS B 70 21.00 -14.77 16.80
N ILE B 71 20.47 -15.93 16.36
CA ILE B 71 19.36 -16.56 17.04
C ILE B 71 19.90 -17.25 18.29
N ASP B 72 19.41 -16.85 19.47
CA ASP B 72 19.78 -17.45 20.77
C ASP B 72 18.80 -18.57 21.16
N ALA B 73 17.50 -18.38 20.88
CA ALA B 73 16.51 -19.42 21.12
C ALA B 73 15.32 -19.21 20.19
N ILE B 74 14.70 -20.32 19.76
CA ILE B 74 13.52 -20.24 18.93
C ILE B 74 12.61 -21.44 19.26
N ASP B 75 11.35 -21.15 19.61
CA ASP B 75 10.40 -22.20 19.93
C ASP B 75 8.99 -21.78 19.52
N GLU B 76 8.48 -22.35 18.42
CA GLU B 76 7.13 -22.05 17.90
C GLU B 76 6.07 -22.39 18.95
N ALA B 77 6.25 -23.50 19.67
CA ALA B 77 5.23 -24.01 20.60
C ALA B 77 4.95 -23.02 21.76
N THR B 78 5.98 -22.31 22.22
CA THR B 78 5.84 -21.38 23.34
C THR B 78 5.93 -19.93 22.85
N TYR B 79 6.01 -19.74 21.52
CA TYR B 79 6.09 -18.41 20.86
C TYR B 79 7.32 -17.64 21.37
N THR B 80 8.42 -18.36 21.51
CA THR B 80 9.69 -17.81 22.08
C THR B 80 10.67 -17.53 20.93
N TYR B 81 11.24 -16.33 20.91
CA TYR B 81 12.32 -15.96 20.01
C TYR B 81 13.25 -14.99 20.75
N ASP B 82 14.49 -15.44 20.95
CA ASP B 82 15.54 -14.72 21.60
C ASP B 82 16.66 -14.57 20.58
N TYR B 83 17.22 -13.35 20.46
CA TYR B 83 18.21 -13.05 19.44
C TYR B 83 19.09 -11.89 19.93
N THR B 84 20.31 -11.80 19.38
CA THR B 84 21.31 -10.83 19.76
C THR B 84 21.77 -10.07 18.51
N ILE B 85 21.77 -8.74 18.60
CA ILE B 85 22.27 -7.89 17.56
C ILE B 85 23.66 -7.38 17.96
N SER B 86 24.59 -7.37 17.00
CA SER B 86 25.93 -6.77 17.16
C SER B 86 26.47 -6.40 15.79
N PHE B 91 26.02 -0.33 13.35
CA PHE B 91 25.93 -0.54 14.80
C PHE B 91 26.71 0.57 15.53
N GLN B 92 26.12 1.09 16.62
CA GLN B 92 26.75 2.16 17.46
C GLN B 92 28.09 1.64 18.03
N GLU B 93 29.09 2.52 18.09
CA GLU B 93 30.48 2.23 18.47
C GLU B 93 30.57 1.87 19.96
N ILE B 94 29.71 2.48 20.80
CA ILE B 94 29.76 2.29 22.30
C ILE B 94 29.12 0.96 22.72
N LEU B 95 28.38 0.33 21.80
CA LEU B 95 27.62 -0.92 22.09
C LEU B 95 28.44 -2.13 21.68
N GLU B 96 28.51 -3.14 22.54
CA GLU B 96 29.04 -4.45 22.19
C GLU B 96 27.93 -5.25 21.50
N LYS B 97 26.75 -5.30 22.11
CA LYS B 97 25.64 -6.13 21.59
C LYS B 97 24.35 -5.76 22.32
N VAL B 98 23.22 -6.11 21.72
CA VAL B 98 21.94 -5.99 22.38
C VAL B 98 21.26 -7.36 22.31
N SER B 99 20.89 -7.92 23.48
CA SER B 99 20.18 -9.21 23.49
C SER B 99 18.69 -9.01 23.78
N PHE B 100 17.85 -9.53 22.88
CA PHE B 100 16.43 -9.50 23.00
C PHE B 100 15.89 -10.87 23.43
N LYS B 101 14.96 -10.90 24.39
CA LYS B 101 14.17 -12.10 24.67
C LYS B 101 12.71 -11.72 24.47
N THR B 102 12.01 -12.44 23.59
CA THR B 102 10.64 -12.14 23.26
C THR B 102 9.80 -13.40 23.46
N LYS B 103 8.56 -13.18 23.93
CA LYS B 103 7.63 -14.27 24.13
C LYS B 103 6.21 -13.75 23.93
N LEU B 104 5.38 -14.48 23.17
CA LEU B 104 3.98 -14.17 23.01
C LEU B 104 3.15 -15.15 23.84
N GLU B 105 1.95 -14.74 24.23
CA GLU B 105 1.00 -15.67 24.84
C GLU B 105 -0.41 -15.18 24.52
N ALA B 106 -1.36 -16.13 24.47
CA ALA B 106 -2.72 -15.85 24.14
C ALA B 106 -3.30 -14.90 25.17
N ALA B 107 -4.08 -13.92 24.70
CA ALA B 107 -4.74 -12.97 25.60
C ALA B 107 -5.92 -12.33 24.87
N ASP B 108 -7.14 -12.71 25.29
CA ASP B 108 -8.39 -12.09 24.88
C ASP B 108 -8.54 -12.12 23.35
N GLY B 109 -8.21 -13.28 22.74
CA GLY B 109 -8.28 -13.45 21.28
C GLY B 109 -7.09 -12.85 20.53
N GLY B 110 -6.22 -12.14 21.23
CA GLY B 110 -4.98 -11.62 20.65
C GLY B 110 -3.75 -12.15 21.36
N SER B 111 -2.72 -11.31 21.48
CA SER B 111 -1.47 -11.68 22.11
C SER B 111 -1.11 -10.68 23.21
N LYS B 112 -0.45 -11.21 24.25
CA LYS B 112 0.38 -10.44 25.14
C LYS B 112 1.83 -10.66 24.68
N ILE B 113 2.60 -9.57 24.65
CA ILE B 113 3.97 -9.54 24.14
C ILE B 113 4.86 -9.16 25.32
N LYS B 114 5.79 -10.04 25.67
CA LYS B 114 6.77 -9.72 26.72
C LYS B 114 8.18 -9.68 26.10
N VAL B 115 8.86 -8.54 26.24
CA VAL B 115 10.19 -8.34 25.75
C VAL B 115 11.11 -7.94 26.90
N SER B 116 12.29 -8.57 26.96
CA SER B 116 13.41 -8.18 27.76
C SER B 116 14.56 -7.79 26.83
N VAL B 117 15.13 -6.59 27.02
CA VAL B 117 16.21 -6.11 26.16
C VAL B 117 17.41 -5.73 27.02
N THR B 118 18.56 -6.33 26.74
CA THR B 118 19.78 -6.12 27.49
C THR B 118 20.85 -5.54 26.57
N PHE B 119 21.20 -4.29 26.81
CA PHE B 119 22.25 -3.61 26.10
C PHE B 119 23.59 -3.78 26.83
N HIS B 120 24.60 -4.24 26.09
CA HIS B 120 25.92 -4.43 26.62
C HIS B 120 26.83 -3.36 26.03
N THR B 121 27.34 -2.50 26.93
CA THR B 121 28.18 -1.39 26.52
C THR B 121 29.65 -1.75 26.74
N LYS B 122 30.54 -1.05 26.00
CA LYS B 122 31.98 -1.19 26.22
C LYS B 122 32.33 -0.65 27.61
N GLY B 123 33.25 -1.32 28.30
CA GLY B 123 33.79 -0.85 29.55
C GLY B 123 32.69 -0.76 30.59
N ASP B 124 32.67 0.35 31.35
CA ASP B 124 31.68 0.62 32.36
C ASP B 124 30.72 1.75 31.92
N ALA B 125 30.51 1.87 30.60
CA ALA B 125 29.75 2.98 30.04
C ALA B 125 28.29 2.83 30.40
N PRO B 126 27.61 3.90 30.91
CA PRO B 126 26.16 3.96 30.90
C PRO B 126 25.64 3.95 29.46
N LEU B 127 24.34 3.69 29.34
CA LEU B 127 23.68 3.62 28.06
C LEU B 127 23.12 4.99 27.75
N PRO B 128 23.60 5.71 26.70
CA PRO B 128 23.01 7.00 26.35
C PRO B 128 21.55 6.80 25.93
N ASP B 129 20.71 7.76 26.28
CA ASP B 129 19.29 7.70 25.99
C ASP B 129 19.10 7.60 24.47
N GLU B 130 19.98 8.26 23.69
CA GLU B 130 19.92 8.26 22.23
C GLU B 130 20.01 6.83 21.66
N VAL B 131 20.89 6.00 22.22
CA VAL B 131 21.11 4.64 21.73
C VAL B 131 19.90 3.77 22.10
N HIS B 132 19.43 3.89 23.35
CA HIS B 132 18.25 3.17 23.79
C HIS B 132 17.07 3.47 22.84
N GLN B 133 16.81 4.75 22.61
CA GLN B 133 15.60 5.13 21.89
C GLN B 133 15.75 4.75 20.42
N ASP B 134 16.95 4.85 19.86
CA ASP B 134 17.14 4.52 18.46
C ASP B 134 16.93 3.02 18.21
N VAL B 135 17.46 2.18 19.07
CA VAL B 135 17.32 0.73 18.96
C VAL B 135 15.85 0.33 19.22
N LYS B 136 15.20 0.91 20.22
CA LYS B 136 13.78 0.70 20.50
C LYS B 136 12.92 1.09 19.29
N GLN B 137 13.14 2.27 18.72
CA GLN B 137 12.32 2.75 17.63
C GLN B 137 12.48 1.83 16.40
N LYS B 138 13.72 1.41 16.10
CA LYS B 138 13.94 0.54 14.94
C LYS B 138 13.28 -0.82 15.18
N SER B 139 13.46 -1.40 16.35
CA SER B 139 12.97 -2.75 16.59
C SER B 139 11.43 -2.74 16.75
N GLN B 140 10.82 -1.73 17.38
CA GLN B 140 9.35 -1.62 17.42
C GLN B 140 8.77 -1.36 16.02
N GLY B 141 9.48 -0.56 15.22
CA GLY B 141 9.07 -0.27 13.89
C GLY B 141 8.90 -1.52 13.05
N ILE B 142 9.90 -2.40 13.11
CA ILE B 142 9.87 -3.62 12.32
C ILE B 142 8.69 -4.47 12.80
N PHE B 143 8.57 -4.63 14.13
CA PHE B 143 7.55 -5.47 14.70
C PHE B 143 6.15 -4.95 14.33
N LYS B 144 5.91 -3.65 14.49
CA LYS B 144 4.60 -3.06 14.27
C LYS B 144 4.26 -3.00 12.77
N ALA B 145 5.26 -2.86 11.90
CA ALA B 145 5.04 -2.94 10.46
C ALA B 145 4.53 -4.33 10.09
N ILE B 146 5.17 -5.37 10.62
CA ILE B 146 4.79 -6.75 10.34
C ILE B 146 3.39 -7.04 10.91
N GLU B 147 3.14 -6.59 12.14
CA GLU B 147 1.82 -6.74 12.78
C GLU B 147 0.72 -6.16 11.88
N GLY B 148 0.96 -4.95 11.38
CA GLY B 148 0.01 -4.26 10.53
C GLY B 148 -0.21 -4.99 9.21
N TYR B 149 0.87 -5.56 8.68
CA TYR B 149 0.82 -6.35 7.44
C TYR B 149 -0.09 -7.57 7.68
N VAL B 150 0.08 -8.28 8.81
CA VAL B 150 -0.72 -9.46 9.13
C VAL B 150 -2.21 -9.07 9.26
N LEU B 151 -2.47 -7.93 9.91
CA LEU B 151 -3.85 -7.46 10.08
C LEU B 151 -4.49 -7.18 8.72
N SER B 152 -3.68 -6.71 7.74
CA SER B 152 -4.17 -6.20 6.47
C SER B 152 -4.28 -7.28 5.39
N ASN B 153 -3.68 -8.46 5.64
CA ASN B 153 -3.69 -9.56 4.67
C ASN B 153 -4.52 -10.72 5.23
N GLY C 2 28.29 -1.40 -27.80
CA GLY C 2 27.38 -1.35 -28.96
C GLY C 2 26.13 -0.55 -28.64
N VAL C 3 25.44 -0.07 -29.67
CA VAL C 3 24.26 0.75 -29.50
C VAL C 3 23.06 0.03 -30.15
N HIS C 4 22.05 -0.23 -29.32
CA HIS C 4 20.80 -0.88 -29.77
C HIS C 4 19.62 0.04 -29.43
N THR C 5 18.87 0.45 -30.45
CA THR C 5 17.77 1.36 -30.27
C THR C 5 16.44 0.70 -30.61
N PHE C 6 15.42 1.14 -29.87
CA PHE C 6 14.02 0.80 -30.09
C PHE C 6 13.21 2.10 -30.05
N GLU C 7 12.08 2.11 -30.76
CA GLU C 7 11.14 3.19 -30.74
C GLU C 7 9.75 2.62 -30.45
N GLU C 8 8.99 3.30 -29.59
CA GLU C 8 7.58 3.03 -29.52
C GLU C 8 6.80 4.34 -29.62
N GLU C 9 5.73 4.30 -30.43
CA GLU C 9 4.76 5.34 -30.50
C GLU C 9 3.47 4.78 -29.90
N SER C 10 2.82 5.56 -29.05
CA SER C 10 1.55 5.16 -28.46
C SER C 10 0.69 6.41 -28.23
N THR C 11 -0.49 6.22 -27.65
CA THR C 11 -1.43 7.29 -27.38
C THR C 11 -1.91 7.17 -25.93
N SER C 12 -2.40 8.28 -25.40
CA SER C 12 -3.07 8.36 -24.10
C SER C 12 -4.30 9.25 -24.26
N PRO C 13 -5.40 8.99 -23.53
CA PRO C 13 -6.50 9.96 -23.42
C PRO C 13 -6.11 11.24 -22.65
N VAL C 14 -5.01 11.18 -21.88
CA VAL C 14 -4.57 12.30 -21.06
C VAL C 14 -3.91 13.31 -21.98
N PRO C 15 -4.35 14.58 -21.97
CA PRO C 15 -3.67 15.62 -22.74
C PRO C 15 -2.24 15.80 -22.26
N PRO C 16 -1.33 16.31 -23.12
CA PRO C 16 0.10 16.23 -22.84
C PRO C 16 0.61 17.06 -21.64
N ALA C 17 0.03 18.24 -21.40
CA ALA C 17 0.50 19.09 -20.31
C ALA C 17 0.26 18.36 -18.98
N LYS C 18 -0.94 17.77 -18.83
CA LYS C 18 -1.28 17.01 -17.62
C LYS C 18 -0.39 15.75 -17.50
N LEU C 19 -0.17 15.10 -18.63
CA LEU C 19 0.61 13.86 -18.64
C LEU C 19 2.08 14.16 -18.35
N PHE C 20 2.58 15.24 -18.94
CA PHE C 20 3.98 15.66 -18.74
C PHE C 20 4.19 16.06 -17.28
N LYS C 21 3.21 16.79 -16.73
CA LYS C 21 3.29 17.28 -15.38
C LYS C 21 3.42 16.09 -14.41
N ALA C 22 2.57 15.08 -14.61
CA ALA C 22 2.55 13.98 -13.71
C ALA C 22 3.79 13.10 -13.93
N THR C 23 4.19 12.86 -15.18
CA THR C 23 5.24 11.88 -15.44
C THR C 23 6.64 12.47 -15.22
N VAL C 24 6.81 13.76 -15.53
CA VAL C 24 8.12 14.37 -15.53
C VAL C 24 8.27 15.30 -14.33
N VAL C 25 7.38 16.28 -14.20
CA VAL C 25 7.52 17.33 -13.17
C VAL C 25 7.27 16.74 -11.77
N ASP C 26 6.23 15.91 -11.65
CA ASP C 26 5.77 15.37 -10.36
C ASP C 26 6.12 13.89 -10.23
N GLY C 27 6.89 13.34 -11.19
CA GLY C 27 7.19 11.90 -11.23
C GLY C 27 7.96 11.40 -10.02
N ASP C 28 8.89 12.22 -9.53
CA ASP C 28 9.73 11.88 -8.38
C ASP C 28 8.84 11.64 -7.15
N GLU C 29 7.79 12.46 -6.98
CA GLU C 29 6.87 12.35 -5.83
C GLU C 29 5.85 11.23 -6.06
N LEU C 30 5.32 11.07 -7.28
CA LEU C 30 4.22 10.12 -7.53
C LEU C 30 4.72 8.68 -7.53
N THR C 31 5.92 8.41 -8.05
CA THR C 31 6.33 7.04 -8.34
C THR C 31 6.39 6.20 -7.06
N PRO C 32 7.09 6.62 -5.98
CA PRO C 32 7.17 5.81 -4.76
C PRO C 32 5.80 5.51 -4.15
N LYS C 33 4.88 6.47 -4.29
CA LYS C 33 3.52 6.38 -3.81
C LYS C 33 2.73 5.31 -4.58
N LEU C 34 2.93 5.22 -5.91
CA LEU C 34 2.07 4.36 -6.76
C LEU C 34 2.69 2.97 -6.99
N ILE C 35 4.01 2.83 -6.89
CA ILE C 35 4.69 1.56 -7.24
C ILE C 35 5.36 1.01 -5.98
N PRO C 36 4.84 -0.08 -5.39
CA PRO C 36 5.37 -0.62 -4.13
C PRO C 36 6.89 -0.83 -4.16
N ALA C 37 7.39 -1.44 -5.25
CA ALA C 37 8.77 -1.88 -5.34
C ALA C 37 9.77 -0.68 -5.35
N ILE C 38 9.31 0.52 -5.72
CA ILE C 38 10.19 1.69 -5.75
C ILE C 38 10.08 2.44 -4.43
N GLN C 39 11.19 2.48 -3.67
CA GLN C 39 11.15 3.00 -2.30
C GLN C 39 11.31 4.52 -2.26
N SER C 40 12.15 5.07 -3.16
CA SER C 40 12.46 6.50 -3.10
C SER C 40 13.22 6.97 -4.35
N ILE C 41 13.10 8.28 -4.61
CA ILE C 41 13.80 8.95 -5.68
C ILE C 41 14.40 10.23 -5.11
N GLU C 42 15.71 10.22 -4.89
CA GLU C 42 16.45 11.31 -4.26
C GLU C 42 17.29 12.05 -5.32
N ILE C 43 17.16 13.37 -5.37
CA ILE C 43 18.04 14.18 -6.18
C ILE C 43 19.39 14.26 -5.46
N VAL C 44 20.48 13.92 -6.14
CA VAL C 44 21.84 13.97 -5.54
C VAL C 44 22.70 15.02 -6.23
N GLU C 45 22.24 15.59 -7.34
CA GLU C 45 23.02 16.62 -8.02
C GLU C 45 22.05 17.44 -8.87
N GLY C 46 22.22 18.77 -8.85
CA GLY C 46 21.40 19.67 -9.69
C GLY C 46 20.04 19.97 -9.07
N ASN C 47 19.22 20.72 -9.81
CA ASN C 47 18.02 21.38 -9.31
C ASN C 47 16.75 20.90 -10.02
N GLY C 48 16.88 19.96 -10.98
CA GLY C 48 15.77 19.49 -11.78
C GLY C 48 15.92 19.81 -13.26
N GLY C 49 16.94 20.59 -13.62
CA GLY C 49 17.27 20.87 -15.04
C GLY C 49 18.25 19.84 -15.61
N PRO C 50 18.71 19.99 -16.87
CA PRO C 50 19.73 19.09 -17.44
C PRO C 50 20.96 19.00 -16.54
N GLY C 51 21.50 17.80 -16.38
CA GLY C 51 22.62 17.53 -15.49
C GLY C 51 22.16 16.96 -14.15
N THR C 52 20.88 17.12 -13.83
CA THR C 52 20.35 16.62 -12.55
C THR C 52 20.57 15.12 -12.48
N VAL C 53 21.00 14.62 -11.32
CA VAL C 53 21.15 13.19 -11.10
C VAL C 53 20.23 12.76 -9.95
N LYS C 54 19.47 11.69 -10.20
CA LYS C 54 18.56 11.13 -9.23
C LYS C 54 18.96 9.70 -8.90
N LYS C 55 18.87 9.36 -7.60
CA LYS C 55 19.08 8.03 -7.13
C LYS C 55 17.73 7.36 -6.94
N VAL C 56 17.51 6.27 -7.65
CA VAL C 56 16.21 5.61 -7.66
C VAL C 56 16.39 4.27 -6.96
N THR C 57 15.78 4.17 -5.76
CA THR C 57 15.96 3.02 -4.91
C THR C 57 14.72 2.12 -5.05
N ALA C 58 14.95 0.82 -5.27
CA ALA C 58 13.88 -0.15 -5.42
C ALA C 58 14.22 -1.44 -4.67
N VAL C 59 13.17 -2.17 -4.28
CA VAL C 59 13.27 -3.46 -3.55
C VAL C 59 12.67 -4.55 -4.45
N GLU C 60 13.37 -5.68 -4.54
CA GLU C 60 12.89 -6.86 -5.26
C GLU C 60 13.49 -8.10 -4.62
N ASP C 61 12.65 -9.14 -4.40
CA ASP C 61 13.08 -10.41 -3.80
C ASP C 61 13.70 -10.17 -2.43
N GLY C 62 13.15 -9.21 -1.68
CA GLY C 62 13.66 -8.81 -0.36
C GLY C 62 15.08 -8.24 -0.43
N LYS C 63 15.49 -7.77 -1.62
CA LYS C 63 16.82 -7.19 -1.88
C LYS C 63 16.63 -5.76 -2.41
N THR C 64 17.23 -4.79 -1.72
CA THR C 64 17.17 -3.37 -2.09
C THR C 64 18.40 -3.05 -2.96
N SER C 65 18.22 -2.18 -3.95
CA SER C 65 19.29 -1.72 -4.87
C SER C 65 18.86 -0.39 -5.50
N TYR C 66 19.76 0.24 -6.26
CA TYR C 66 19.45 1.53 -6.84
C TYR C 66 20.16 1.69 -8.20
N VAL C 67 19.63 2.63 -9.01
CA VAL C 67 20.28 3.08 -10.26
C VAL C 67 20.28 4.61 -10.23
N LEU C 68 21.15 5.22 -11.02
CA LEU C 68 21.18 6.67 -11.20
C LEU C 68 20.53 7.05 -12.54
N HIS C 69 19.72 8.11 -12.46
CA HIS C 69 19.01 8.73 -13.61
C HIS C 69 19.59 10.12 -13.82
N LYS C 70 20.11 10.40 -15.01
CA LYS C 70 20.63 11.72 -15.31
C LYS C 70 19.72 12.38 -16.35
N ILE C 71 19.30 13.62 -16.09
CA ILE C 71 18.49 14.38 -17.03
C ILE C 71 19.41 14.87 -18.15
N ASP C 72 19.09 14.49 -19.40
CA ASP C 72 19.80 14.96 -20.62
C ASP C 72 19.13 16.18 -21.24
N ALA C 73 17.80 16.22 -21.23
CA ALA C 73 17.06 17.38 -21.73
C ALA C 73 15.69 17.40 -21.05
N ILE C 74 15.19 18.60 -20.79
CA ILE C 74 13.85 18.76 -20.26
C ILE C 74 13.27 20.05 -20.87
N ASP C 75 12.09 19.93 -21.49
CA ASP C 75 11.43 21.13 -22.03
C ASP C 75 9.92 20.98 -21.93
N GLU C 76 9.30 21.72 -21.01
CA GLU C 76 7.83 21.80 -20.81
C GLU C 76 7.12 22.12 -22.14
N ALA C 77 7.63 23.11 -22.86
CA ALA C 77 6.92 23.68 -24.02
C ALA C 77 6.77 22.65 -25.14
N THR C 78 7.75 21.74 -25.29
CA THR C 78 7.70 20.74 -26.36
C THR C 78 7.40 19.35 -25.78
N TYR C 79 7.14 19.27 -24.46
CA TYR C 79 6.84 18.03 -23.72
C TYR C 79 7.99 17.01 -23.90
N THR C 80 9.22 17.53 -23.81
CA THR C 80 10.43 16.74 -24.05
C THR C 80 11.08 16.40 -22.71
N TYR C 81 11.41 15.10 -22.51
CA TYR C 81 12.20 14.63 -21.39
C TYR C 81 13.09 13.47 -21.86
N ASP C 82 14.39 13.73 -21.82
CA ASP C 82 15.44 12.85 -22.20
C ASP C 82 16.28 12.59 -20.95
N TYR C 83 16.54 11.32 -20.65
CA TYR C 83 17.27 10.94 -19.46
C TYR C 83 18.04 9.63 -19.71
N THR C 84 19.11 9.41 -18.94
CA THR C 84 20.00 8.30 -19.08
C THR C 84 20.08 7.59 -17.74
N ILE C 85 19.85 6.27 -17.75
CA ILE C 85 20.06 5.43 -16.60
C ILE C 85 21.44 4.76 -16.71
N SER C 86 22.18 4.74 -15.57
CA SER C 86 23.47 4.04 -15.49
C SER C 86 23.83 3.86 -14.02
N GLY C 87 24.78 2.97 -13.76
CA GLY C 87 25.46 2.90 -12.47
C GLY C 87 24.54 2.41 -11.36
N GLY C 88 25.12 2.28 -10.17
CA GLY C 88 24.43 1.77 -9.00
C GLY C 88 24.42 0.25 -8.95
N THR C 89 23.95 -0.24 -7.80
CA THR C 89 23.99 -1.64 -7.44
C THR C 89 22.93 -2.44 -8.23
N GLY C 90 21.93 -1.76 -8.82
CA GLY C 90 20.82 -2.43 -9.50
C GLY C 90 20.99 -2.48 -11.02
N PHE C 91 22.11 -1.96 -11.52
CA PHE C 91 22.27 -1.83 -12.96
C PHE C 91 22.90 -3.11 -13.54
N GLN C 92 22.37 -3.57 -14.68
CA GLN C 92 22.88 -4.79 -15.38
C GLN C 92 24.36 -4.59 -15.73
N GLU C 93 25.14 -5.67 -15.61
CA GLU C 93 26.60 -5.66 -15.75
C GLU C 93 27.01 -5.45 -17.21
N ILE C 94 26.18 -5.91 -18.15
CA ILE C 94 26.46 -5.86 -19.61
C ILE C 94 26.23 -4.44 -20.17
N LEU C 95 25.56 -3.56 -19.41
CA LEU C 95 25.14 -2.24 -19.91
C LEU C 95 26.10 -1.17 -19.41
N GLU C 96 26.49 -0.25 -20.29
CA GLU C 96 27.11 1.03 -19.89
C GLU C 96 26.02 1.99 -19.40
N LYS C 97 24.96 2.14 -20.18
CA LYS C 97 23.92 3.14 -19.91
C LYS C 97 22.75 2.89 -20.86
N VAL C 98 21.57 3.40 -20.50
CA VAL C 98 20.42 3.35 -21.35
C VAL C 98 19.87 4.76 -21.46
N SER C 99 19.81 5.30 -22.68
CA SER C 99 19.34 6.67 -22.91
C SER C 99 17.94 6.69 -23.50
N PHE C 100 17.02 7.37 -22.79
CA PHE C 100 15.66 7.51 -23.17
C PHE C 100 15.42 8.91 -23.75
N LYS C 101 14.71 8.99 -24.88
CA LYS C 101 14.21 10.27 -25.40
C LYS C 101 12.70 10.15 -25.52
N THR C 102 11.98 11.04 -24.82
CA THR C 102 10.54 10.97 -24.75
C THR C 102 9.97 12.32 -25.16
N LYS C 103 8.87 12.27 -25.90
CA LYS C 103 8.20 13.47 -26.39
C LYS C 103 6.70 13.19 -26.48
N LEU C 104 5.89 14.12 -25.97
CA LEU C 104 4.42 14.06 -26.12
C LEU C 104 4.01 15.11 -27.15
N GLU C 105 2.85 14.90 -27.76
CA GLU C 105 2.23 15.88 -28.68
C GLU C 105 0.72 15.75 -28.51
N ALA C 106 -0.01 16.86 -28.69
CA ALA C 106 -1.46 16.87 -28.62
C ALA C 106 -2.00 15.94 -29.72
N ALA C 107 -3.04 15.18 -29.39
CA ALA C 107 -3.76 14.35 -30.38
C ALA C 107 -5.18 14.08 -29.91
N ASP C 108 -6.15 14.73 -30.56
CA ASP C 108 -7.58 14.47 -30.41
C ASP C 108 -8.01 14.62 -28.94
N GLY C 109 -7.54 15.69 -28.28
CA GLY C 109 -7.84 15.93 -26.85
C GLY C 109 -7.00 15.06 -25.89
N GLY C 110 -6.19 14.14 -26.42
CA GLY C 110 -5.25 13.36 -25.61
C GLY C 110 -3.82 13.59 -26.05
N SER C 111 -2.98 12.56 -25.96
CA SER C 111 -1.57 12.65 -26.29
C SER C 111 -1.17 11.55 -27.28
N LYS C 112 -0.24 11.89 -28.16
CA LYS C 112 0.62 10.95 -28.83
C LYS C 112 1.95 10.95 -28.07
N ILE C 113 2.51 9.76 -27.85
CA ILE C 113 3.71 9.53 -27.03
C ILE C 113 4.74 8.87 -27.93
N LYS C 114 5.94 9.45 -28.03
CA LYS C 114 7.05 8.83 -28.72
C LYS C 114 8.20 8.62 -27.75
N VAL C 115 8.64 7.37 -27.58
CA VAL C 115 9.77 7.04 -26.78
C VAL C 115 10.79 6.31 -27.65
N SER C 116 12.02 6.81 -27.63
CA SER C 116 13.18 6.22 -28.26
C SER C 116 14.15 5.80 -27.16
N VAL C 117 14.56 4.53 -27.17
CA VAL C 117 15.46 4.01 -26.17
C VAL C 117 16.72 3.48 -26.83
N THR C 118 17.89 3.93 -26.36
CA THR C 118 19.17 3.49 -26.84
C THR C 118 19.90 2.79 -25.69
N PHE C 119 20.10 1.49 -25.81
CA PHE C 119 20.93 0.73 -24.91
C PHE C 119 22.38 0.79 -25.41
N HIS C 120 23.28 1.14 -24.51
CA HIS C 120 24.70 1.15 -24.78
C HIS C 120 25.31 0.00 -23.99
N THR C 121 25.78 -1.03 -24.70
CA THR C 121 26.38 -2.20 -24.09
C THR C 121 27.89 -2.02 -24.01
N LYS C 122 28.50 -2.76 -23.07
CA LYS C 122 29.96 -2.81 -22.93
C LYS C 122 30.53 -3.51 -24.16
N GLY C 123 31.66 -2.98 -24.65
CA GLY C 123 32.30 -3.51 -25.83
C GLY C 123 31.37 -3.45 -27.02
N ASP C 124 31.33 -4.52 -27.83
CA ASP C 124 30.46 -4.59 -29.01
C ASP C 124 29.39 -5.67 -28.79
N ALA C 125 29.02 -5.90 -27.52
CA ALA C 125 28.01 -6.91 -27.13
C ALA C 125 26.65 -6.57 -27.74
N PRO C 126 25.96 -7.56 -28.37
CA PRO C 126 24.52 -7.46 -28.60
C PRO C 126 23.73 -7.31 -27.28
N LEU C 127 22.47 -6.88 -27.42
CA LEU C 127 21.61 -6.66 -26.28
C LEU C 127 20.81 -7.95 -26.04
N PRO C 128 20.99 -8.65 -24.90
CA PRO C 128 20.19 -9.82 -24.59
C PRO C 128 18.71 -9.44 -24.48
N ASP C 129 17.82 -10.33 -24.95
CA ASP C 129 16.39 -10.05 -24.92
C ASP C 129 15.96 -9.85 -23.46
N GLU C 130 16.57 -10.58 -22.53
CA GLU C 130 16.19 -10.48 -21.11
C GLU C 130 16.42 -9.06 -20.56
N VAL C 131 17.54 -8.44 -20.95
CA VAL C 131 17.92 -7.10 -20.44
C VAL C 131 16.99 -6.05 -21.07
N HIS C 132 16.75 -6.18 -22.37
CA HIS C 132 15.83 -5.33 -23.09
C HIS C 132 14.48 -5.31 -22.36
N GLN C 133 13.92 -6.52 -22.13
CA GLN C 133 12.57 -6.60 -21.62
C GLN C 133 12.53 -6.08 -20.17
N ASP C 134 13.57 -6.34 -19.37
CA ASP C 134 13.60 -5.91 -17.98
C ASP C 134 13.49 -4.37 -17.90
N VAL C 135 14.34 -3.70 -18.66
CA VAL C 135 14.41 -2.26 -18.67
C VAL C 135 13.10 -1.65 -19.24
N LYS C 136 12.60 -2.20 -20.35
CA LYS C 136 11.35 -1.76 -20.97
C LYS C 136 10.17 -1.93 -19.99
N GLN C 137 10.07 -3.07 -19.32
CA GLN C 137 8.98 -3.34 -18.42
C GLN C 137 9.03 -2.38 -17.23
N LYS C 138 10.20 -2.12 -16.68
CA LYS C 138 10.29 -1.23 -15.53
C LYS C 138 9.91 0.19 -15.95
N SER C 139 10.43 0.66 -17.08
CA SER C 139 10.15 2.04 -17.47
C SER C 139 8.70 2.23 -17.93
N GLN C 140 8.15 1.28 -18.69
CA GLN C 140 6.72 1.36 -19.11
C GLN C 140 5.80 1.22 -17.88
N GLY C 141 6.18 0.39 -16.92
CA GLY C 141 5.38 0.19 -15.75
C GLY C 141 5.19 1.47 -14.96
N ILE C 142 6.29 2.21 -14.77
CA ILE C 142 6.21 3.47 -14.06
C ILE C 142 5.29 4.43 -14.83
N PHE C 143 5.51 4.52 -16.15
CA PHE C 143 4.77 5.48 -16.97
C PHE C 143 3.27 5.13 -16.93
N LYS C 144 2.93 3.84 -17.12
CA LYS C 144 1.55 3.41 -17.16
C LYS C 144 0.87 3.56 -15.78
N ALA C 145 1.60 3.36 -14.69
CA ALA C 145 1.06 3.59 -13.35
C ALA C 145 0.64 5.06 -13.17
N ILE C 146 1.52 5.97 -13.58
CA ILE C 146 1.28 7.40 -13.41
C ILE C 146 0.13 7.83 -14.32
N GLU C 147 0.14 7.35 -15.57
CA GLU C 147 -0.87 7.62 -16.54
C GLU C 147 -2.25 7.21 -15.99
N GLY C 148 -2.32 6.00 -15.44
CA GLY C 148 -3.54 5.45 -14.87
C GLY C 148 -4.03 6.28 -13.69
N TYR C 149 -3.09 6.74 -12.87
CA TYR C 149 -3.39 7.59 -11.73
C TYR C 149 -4.06 8.88 -12.22
N VAL C 150 -3.48 9.51 -13.25
CA VAL C 150 -3.99 10.76 -13.79
C VAL C 150 -5.41 10.56 -14.34
N LEU C 151 -5.63 9.43 -15.04
CA LEU C 151 -6.93 9.10 -15.59
C LEU C 151 -7.98 8.94 -14.49
N SER C 152 -7.56 8.42 -13.32
CA SER C 152 -8.45 8.02 -12.23
C SER C 152 -8.75 9.18 -11.26
N ASN C 153 -7.96 10.26 -11.32
CA ASN C 153 -8.11 11.39 -10.41
C ASN C 153 -8.60 12.61 -11.19
N GLY D 2 -25.82 -0.05 32.51
CA GLY D 2 -24.56 -0.06 33.29
C GLY D 2 -23.45 0.62 32.52
N VAL D 3 -22.46 1.14 33.25
CA VAL D 3 -21.33 1.84 32.64
C VAL D 3 -20.06 1.08 33.03
N HIS D 4 -19.29 0.67 32.02
CA HIS D 4 -18.09 -0.12 32.19
C HIS D 4 -16.90 0.56 31.52
N THR D 5 -15.92 1.00 32.34
CA THR D 5 -14.81 1.77 31.85
C THR D 5 -13.51 0.96 31.80
N PHE D 6 -12.75 1.09 30.71
CA PHE D 6 -11.43 0.54 30.53
C PHE D 6 -10.47 1.63 30.05
N GLU D 7 -9.22 1.54 30.47
CA GLU D 7 -8.19 2.54 30.21
C GLU D 7 -6.97 1.79 29.73
N GLU D 8 -6.38 2.25 28.63
CA GLU D 8 -5.14 1.66 28.17
C GLU D 8 -4.18 2.80 27.76
N GLU D 9 -2.90 2.63 28.12
CA GLU D 9 -1.83 3.43 27.65
C GLU D 9 -0.91 2.52 26.83
N SER D 10 -0.43 3.00 25.68
CA SER D 10 0.55 2.29 24.90
C SER D 10 1.48 3.28 24.18
N THR D 11 2.43 2.75 23.41
CA THR D 11 3.38 3.61 22.68
C THR D 11 3.43 3.16 21.22
N SER D 12 3.85 4.08 20.36
CA SER D 12 4.12 3.85 18.97
C SER D 12 5.45 4.49 18.61
N PRO D 13 6.25 3.89 17.70
CA PRO D 13 7.38 4.58 17.09
C PRO D 13 6.99 5.79 16.21
N VAL D 14 5.73 5.83 15.77
CA VAL D 14 5.24 6.87 14.87
C VAL D 14 5.00 8.14 15.67
N PRO D 15 5.61 9.29 15.31
CA PRO D 15 5.31 10.55 15.99
C PRO D 15 3.83 10.92 15.81
N PRO D 16 3.25 11.73 16.70
CA PRO D 16 1.80 11.86 16.80
C PRO D 16 1.12 12.55 15.62
N ALA D 17 1.76 13.56 15.02
CA ALA D 17 1.11 14.29 13.91
C ALA D 17 0.86 13.33 12.75
N LYS D 18 1.89 12.52 12.44
CA LYS D 18 1.79 11.49 11.38
C LYS D 18 0.75 10.43 11.74
N LEU D 19 0.77 10.01 13.00
CA LEU D 19 -0.11 8.94 13.46
C LEU D 19 -1.56 9.44 13.49
N PHE D 20 -1.73 10.68 13.94
CA PHE D 20 -3.06 11.28 14.03
C PHE D 20 -3.64 11.45 12.61
N LYS D 21 -2.78 11.92 11.70
CA LYS D 21 -3.19 12.18 10.35
C LYS D 21 -3.73 10.89 9.72
N ALA D 22 -3.00 9.80 9.90
CA ALA D 22 -3.37 8.56 9.26
C ALA D 22 -4.59 7.97 9.98
N THR D 23 -4.64 8.00 11.32
CA THR D 23 -5.66 7.27 12.04
C THR D 23 -6.99 8.04 12.07
N VAL D 24 -6.92 9.37 12.12
CA VAL D 24 -8.11 10.15 12.33
C VAL D 24 -8.47 10.92 11.06
N VAL D 25 -7.53 11.71 10.52
CA VAL D 25 -7.84 12.58 9.36
C VAL D 25 -8.06 11.73 8.10
N ASP D 26 -7.23 10.72 7.89
CA ASP D 26 -7.25 9.87 6.68
C ASP D 26 -7.85 8.50 6.96
N GLY D 27 -8.33 8.26 8.17
CA GLY D 27 -8.83 6.97 8.64
C GLY D 27 -10.00 6.43 7.84
N ASP D 28 -10.93 7.31 7.42
CA ASP D 28 -12.10 6.85 6.66
C ASP D 28 -11.66 6.22 5.33
N GLU D 29 -10.62 6.80 4.70
CA GLU D 29 -10.12 6.31 3.42
C GLU D 29 -9.20 5.09 3.62
N LEU D 30 -8.38 5.08 4.69
CA LEU D 30 -7.36 4.04 4.83
C LEU D 30 -7.99 2.72 5.31
N THR D 31 -9.01 2.78 6.16
CA THR D 31 -9.48 1.59 6.86
C THR D 31 -9.97 0.53 5.87
N PRO D 32 -10.91 0.81 4.93
CA PRO D 32 -11.40 -0.24 4.02
C PRO D 32 -10.28 -0.89 3.20
N LYS D 33 -9.26 -0.11 2.85
CA LYS D 33 -8.09 -0.59 2.11
C LYS D 33 -7.26 -1.59 2.97
N LEU D 34 -7.10 -1.33 4.27
CA LEU D 34 -6.15 -2.07 5.11
C LEU D 34 -6.81 -3.20 5.93
N ILE D 35 -8.12 -3.16 6.12
CA ILE D 35 -8.82 -4.17 6.92
C ILE D 35 -9.78 -4.91 6.00
N PRO D 36 -9.51 -6.20 5.65
CA PRO D 36 -10.35 -6.89 4.66
C PRO D 36 -11.84 -6.90 5.03
N ALA D 37 -12.14 -7.18 6.31
CA ALA D 37 -13.51 -7.35 6.80
C ALA D 37 -14.34 -6.05 6.70
N ILE D 38 -13.70 -4.87 6.67
CA ILE D 38 -14.43 -3.61 6.59
C ILE D 38 -14.60 -3.19 5.12
N GLN D 39 -15.87 -3.13 4.68
CA GLN D 39 -16.23 -2.92 3.28
C GLN D 39 -16.26 -1.42 2.93
N SER D 40 -16.73 -0.58 3.86
CA SER D 40 -16.91 0.85 3.55
C SER D 40 -17.16 1.68 4.82
N ILE D 41 -16.81 2.96 4.72
CA ILE D 41 -17.12 3.97 5.72
C ILE D 41 -17.74 5.15 5.00
N GLU D 42 -19.04 5.33 5.20
CA GLU D 42 -19.81 6.40 4.55
C GLU D 42 -20.18 7.45 5.60
N ILE D 43 -19.92 8.73 5.29
CA ILE D 43 -20.44 9.81 6.13
C ILE D 43 -21.92 9.97 5.76
N VAL D 44 -22.79 9.93 6.78
CA VAL D 44 -24.23 10.11 6.52
C VAL D 44 -24.73 11.41 7.15
N GLU D 45 -23.93 12.06 8.01
CA GLU D 45 -24.33 13.32 8.58
C GLU D 45 -23.08 14.12 8.95
N GLY D 46 -23.09 15.44 8.69
CA GLY D 46 -21.99 16.34 9.03
C GLY D 46 -20.84 16.30 8.03
N ASN D 47 -19.76 17.02 8.35
CA ASN D 47 -18.69 17.35 7.41
C ASN D 47 -17.34 16.81 7.87
N GLY D 48 -17.29 16.11 9.01
CA GLY D 48 -16.05 15.63 9.60
C GLY D 48 -15.75 16.25 10.96
N GLY D 49 -16.55 17.25 11.36
CA GLY D 49 -16.46 17.84 12.72
C GLY D 49 -17.32 17.10 13.72
N PRO D 50 -17.37 17.54 15.00
CA PRO D 50 -18.25 16.93 16.00
C PRO D 50 -19.69 16.87 15.52
N GLY D 51 -20.37 15.76 15.78
CA GLY D 51 -21.72 15.51 15.28
C GLY D 51 -21.74 14.68 14.00
N THR D 52 -20.60 14.58 13.32
CA THR D 52 -20.48 13.75 12.11
C THR D 52 -20.86 12.31 12.46
N VAL D 53 -21.66 11.68 11.61
CA VAL D 53 -22.05 10.30 11.78
C VAL D 53 -21.59 9.50 10.55
N LYS D 54 -20.94 8.37 10.83
CA LYS D 54 -20.39 7.52 9.79
C LYS D 54 -21.03 6.13 9.93
N LYS D 55 -21.32 5.52 8.78
CA LYS D 55 -21.80 4.19 8.71
C LYS D 55 -20.63 3.29 8.31
N VAL D 56 -20.31 2.33 9.17
CA VAL D 56 -19.17 1.49 8.99
C VAL D 56 -19.68 0.09 8.68
N THR D 57 -19.45 -0.35 7.43
CA THR D 57 -19.98 -1.59 6.95
C THR D 57 -18.86 -2.65 6.98
N ALA D 58 -19.17 -3.84 7.50
CA ALA D 58 -18.22 -4.94 7.61
C ALA D 58 -18.89 -6.25 7.23
N VAL D 59 -18.07 -7.21 6.80
CA VAL D 59 -18.49 -8.58 6.44
C VAL D 59 -17.80 -9.55 7.39
N GLU D 60 -18.58 -10.54 7.85
CA GLU D 60 -18.10 -11.57 8.76
C GLU D 60 -18.97 -12.83 8.54
N ASP D 61 -18.31 -13.98 8.41
CA ASP D 61 -18.96 -15.27 8.07
C ASP D 61 -19.79 -15.15 6.79
N GLY D 62 -19.30 -14.38 5.80
CA GLY D 62 -20.04 -14.10 4.55
C GLY D 62 -21.37 -13.38 4.79
N LYS D 63 -21.49 -12.68 5.94
CA LYS D 63 -22.68 -11.92 6.37
C LYS D 63 -22.27 -10.46 6.61
N THR D 64 -22.97 -9.54 5.95
CA THR D 64 -22.70 -8.10 6.00
C THR D 64 -23.56 -7.47 7.10
N SER D 65 -23.00 -6.47 7.78
CA SER D 65 -23.70 -5.67 8.80
C SER D 65 -22.95 -4.34 8.97
N TYR D 66 -23.53 -3.42 9.76
CA TYR D 66 -22.90 -2.13 9.95
C TYR D 66 -23.18 -1.59 11.36
N VAL D 67 -22.36 -0.64 11.78
CA VAL D 67 -22.52 0.16 13.00
C VAL D 67 -22.38 1.63 12.62
N LEU D 68 -22.85 2.52 13.49
CA LEU D 68 -22.71 3.96 13.34
C LEU D 68 -21.66 4.48 14.32
N HIS D 69 -20.81 5.36 13.79
CA HIS D 69 -19.73 6.06 14.55
C HIS D 69 -20.09 7.54 14.58
N LYS D 70 -20.18 8.14 15.77
CA LYS D 70 -20.45 9.54 15.89
C LYS D 70 -19.22 10.23 16.48
N ILE D 71 -18.78 11.33 15.87
CA ILE D 71 -17.64 12.09 16.38
C ILE D 71 -18.13 12.93 17.57
N ASP D 72 -17.50 12.71 18.75
CA ASP D 72 -17.78 13.52 19.97
C ASP D 72 -16.81 14.72 20.08
N ALA D 73 -15.55 14.52 19.71
CA ALA D 73 -14.56 15.60 19.72
C ALA D 73 -13.43 15.23 18.75
N ILE D 74 -12.85 16.25 18.13
CA ILE D 74 -11.77 16.10 17.19
C ILE D 74 -10.91 17.36 17.28
N ASP D 75 -9.62 17.18 17.57
CA ASP D 75 -8.70 18.31 17.64
C ASP D 75 -7.30 17.87 17.21
N GLU D 76 -6.89 18.28 16.00
CA GLU D 76 -5.57 17.97 15.44
C GLU D 76 -4.46 18.46 16.37
N ALA D 77 -4.62 19.68 16.90
CA ALA D 77 -3.54 20.36 17.65
C ALA D 77 -3.19 19.60 18.94
N THR D 78 -4.17 18.92 19.58
CA THR D 78 -3.93 18.20 20.84
C THR D 78 -3.99 16.68 20.59
N TYR D 79 -4.13 16.28 19.32
CA TYR D 79 -4.16 14.87 18.88
C TYR D 79 -5.33 14.13 19.58
N THR D 80 -6.46 14.81 19.66
CA THR D 80 -7.66 14.31 20.37
C THR D 80 -8.71 13.83 19.36
N TYR D 81 -9.22 12.60 19.56
CA TYR D 81 -10.35 12.05 18.82
C TYR D 81 -11.19 11.19 19.75
N ASP D 82 -12.43 11.64 19.97
CA ASP D 82 -13.40 11.03 20.81
C ASP D 82 -14.61 10.70 19.93
N TYR D 83 -15.09 9.46 20.00
CA TYR D 83 -16.18 9.01 19.13
C TYR D 83 -16.97 7.91 19.84
N THR D 84 -18.23 7.73 19.43
CA THR D 84 -19.16 6.81 20.03
C THR D 84 -19.67 5.87 18.93
N ILE D 85 -19.63 4.58 19.20
CA ILE D 85 -20.24 3.58 18.36
C ILE D 85 -21.60 3.19 18.96
N SER D 86 -22.62 3.11 18.11
CA SER D 86 -23.96 2.64 18.49
C SER D 86 -24.71 2.21 17.24
N GLY D 87 -25.79 1.47 17.40
CA GLY D 87 -26.79 1.31 16.36
C GLY D 87 -26.31 0.49 15.19
N GLY D 88 -27.21 0.28 14.24
CA GLY D 88 -26.97 -0.54 13.07
C GLY D 88 -27.19 -2.03 13.34
N THR D 89 -27.12 -2.80 12.25
CA THR D 89 -27.45 -4.23 12.26
C THR D 89 -26.33 -5.06 12.93
N GLY D 90 -25.14 -4.49 13.09
CA GLY D 90 -23.96 -5.22 13.55
C GLY D 90 -23.63 -4.92 14.99
N PHE D 91 -24.48 -4.12 15.64
CA PHE D 91 -24.23 -3.76 17.02
C PHE D 91 -24.84 -4.80 17.96
N GLN D 92 -24.09 -5.18 19.01
CA GLN D 92 -24.56 -6.15 20.05
C GLN D 92 -25.84 -5.63 20.70
N GLU D 93 -26.77 -6.52 20.99
CA GLU D 93 -28.11 -6.16 21.50
C GLU D 93 -28.04 -5.70 22.95
N ILE D 94 -27.04 -6.18 23.71
CA ILE D 94 -26.84 -5.84 25.14
C ILE D 94 -26.26 -4.43 25.32
N LEU D 95 -25.70 -3.84 24.26
CA LEU D 95 -25.02 -2.55 24.33
C LEU D 95 -25.94 -1.42 23.89
N GLU D 96 -25.93 -0.30 24.62
CA GLU D 96 -26.51 0.96 24.15
C GLU D 96 -25.50 1.67 23.24
N LYS D 97 -24.26 1.79 23.70
CA LYS D 97 -23.23 2.54 22.97
C LYS D 97 -21.86 2.24 23.59
N VAL D 98 -20.79 2.50 22.85
CA VAL D 98 -19.45 2.41 23.38
C VAL D 98 -18.76 3.71 23.03
N SER D 99 -18.28 4.44 24.05
CA SER D 99 -17.66 5.75 23.86
C SER D 99 -16.15 5.65 24.03
N PHE D 100 -15.43 6.11 23.01
CA PHE D 100 -13.98 6.11 23.01
C PHE D 100 -13.48 7.55 23.19
N LYS D 101 -12.47 7.71 24.05
CA LYS D 101 -11.69 8.95 24.12
C LYS D 101 -10.23 8.58 23.87
N THR D 102 -9.62 9.18 22.83
CA THR D 102 -8.27 8.86 22.45
C THR D 102 -7.46 10.15 22.36
N LYS D 103 -6.19 10.07 22.79
CA LYS D 103 -5.29 11.19 22.77
C LYS D 103 -3.86 10.69 22.56
N LEU D 104 -3.10 11.36 21.67
CA LEU D 104 -1.69 11.07 21.45
C LEU D 104 -0.87 12.19 22.07
N GLU D 105 0.38 11.88 22.41
CA GLU D 105 1.34 12.94 22.77
C GLU D 105 2.74 12.45 22.42
N ALA D 106 3.65 13.40 22.18
CA ALA D 106 5.02 13.11 21.82
C ALA D 106 5.67 12.28 22.94
N ALA D 107 6.46 11.29 22.55
CA ALA D 107 7.28 10.51 23.50
C ALA D 107 8.43 9.84 22.77
N ASP D 108 9.65 10.32 23.07
CA ASP D 108 10.91 9.69 22.62
C ASP D 108 10.95 9.57 21.09
N GLY D 109 10.50 10.63 20.39
CA GLY D 109 10.44 10.65 18.92
C GLY D 109 9.28 9.85 18.33
N GLY D 110 8.51 9.16 19.19
CA GLY D 110 7.27 8.50 18.78
C GLY D 110 6.06 9.09 19.50
N SER D 111 5.08 8.24 19.83
CA SER D 111 3.87 8.66 20.48
C SER D 111 3.63 7.84 21.75
N LYS D 112 2.99 8.50 22.72
CA LYS D 112 2.25 7.82 23.77
C LYS D 112 0.77 7.90 23.37
N ILE D 113 0.03 6.80 23.58
CA ILE D 113 -1.35 6.65 23.19
C ILE D 113 -2.18 6.38 24.44
N LYS D 114 -3.20 7.22 24.70
CA LYS D 114 -4.07 7.05 25.84
C LYS D 114 -5.50 6.89 25.33
N VAL D 115 -6.15 5.79 25.73
CA VAL D 115 -7.48 5.48 25.32
C VAL D 115 -8.29 5.15 26.58
N SER D 116 -9.48 5.74 26.64
CA SER D 116 -10.52 5.46 27.57
C SER D 116 -11.73 4.91 26.79
N VAL D 117 -12.23 3.74 27.18
CA VAL D 117 -13.36 3.13 26.51
C VAL D 117 -14.46 2.84 27.52
N THR D 118 -15.66 3.40 27.28
CA THR D 118 -16.78 3.30 28.17
C THR D 118 -17.93 2.59 27.46
N PHE D 119 -18.21 1.36 27.89
CA PHE D 119 -19.30 0.58 27.40
C PHE D 119 -20.57 0.86 28.22
N HIS D 120 -21.65 1.21 27.53
CA HIS D 120 -22.92 1.43 28.14
C HIS D 120 -23.85 0.29 27.80
N THR D 121 -24.22 -0.51 28.80
CA THR D 121 -25.08 -1.65 28.63
C THR D 121 -26.52 -1.26 28.95
N LYS D 122 -27.46 -2.01 28.38
CA LYS D 122 -28.88 -1.83 28.67
C LYS D 122 -29.12 -2.24 30.12
N GLY D 123 -30.00 -1.50 30.79
CA GLY D 123 -30.39 -1.78 32.14
C GLY D 123 -29.19 -1.78 33.07
N ASP D 124 -29.09 -2.79 33.95
CA ASP D 124 -28.01 -2.90 34.89
C ASP D 124 -27.07 -4.06 34.53
N ALA D 125 -27.00 -4.40 33.23
CA ALA D 125 -26.27 -5.57 32.76
C ALA D 125 -24.76 -5.33 32.95
N PRO D 126 -24.02 -6.32 33.48
CA PRO D 126 -22.57 -6.35 33.30
C PRO D 126 -22.21 -6.46 31.81
N LEU D 127 -20.93 -6.17 31.56
CA LEU D 127 -20.37 -6.26 30.19
C LEU D 127 -19.86 -7.68 30.00
N PRO D 128 -20.44 -8.51 29.11
CA PRO D 128 -19.94 -9.85 28.88
C PRO D 128 -18.51 -9.75 28.34
N ASP D 129 -17.67 -10.72 28.72
CA ASP D 129 -16.24 -10.73 28.29
C ASP D 129 -16.15 -10.81 26.77
N GLU D 130 -17.03 -11.58 26.13
CA GLU D 130 -17.02 -11.74 24.65
C GLU D 130 -17.26 -10.37 23.99
N VAL D 131 -18.20 -9.58 24.49
CA VAL D 131 -18.49 -8.24 23.89
C VAL D 131 -17.27 -7.32 24.03
N HIS D 132 -16.64 -7.32 25.22
CA HIS D 132 -15.48 -6.44 25.47
C HIS D 132 -14.31 -6.80 24.55
N GLN D 133 -14.05 -8.10 24.38
CA GLN D 133 -12.93 -8.58 23.52
C GLN D 133 -13.23 -8.28 22.05
N ASP D 134 -14.49 -8.45 21.64
CA ASP D 134 -14.85 -8.24 20.24
C ASP D 134 -14.61 -6.78 19.83
N VAL D 135 -15.08 -5.85 20.66
CA VAL D 135 -14.94 -4.42 20.39
C VAL D 135 -13.47 -4.01 20.43
N LYS D 136 -12.71 -4.47 21.44
CA LYS D 136 -11.31 -4.21 21.57
C LYS D 136 -10.53 -4.73 20.36
N GLN D 137 -10.76 -5.97 19.94
CA GLN D 137 -10.05 -6.54 18.84
C GLN D 137 -10.32 -5.76 17.53
N LYS D 138 -11.57 -5.39 17.28
CA LYS D 138 -11.89 -4.67 16.07
C LYS D 138 -11.21 -3.30 16.07
N SER D 139 -11.32 -2.57 17.19
CA SER D 139 -10.83 -1.22 17.24
C SER D 139 -9.29 -1.20 17.24
N GLN D 140 -8.63 -2.09 17.98
CA GLN D 140 -7.15 -2.16 17.98
C GLN D 140 -6.64 -2.62 16.61
N GLY D 141 -7.38 -3.54 15.97
CA GLY D 141 -7.03 -3.99 14.65
C GLY D 141 -6.88 -2.87 13.64
N ILE D 142 -7.88 -1.99 13.62
CA ILE D 142 -7.90 -0.87 12.70
C ILE D 142 -6.72 0.04 13.02
N PHE D 143 -6.55 0.37 14.31
CA PHE D 143 -5.52 1.30 14.70
C PHE D 143 -4.14 0.76 14.31
N LYS D 144 -3.88 -0.52 14.63
CA LYS D 144 -2.58 -1.13 14.41
C LYS D 144 -2.29 -1.36 12.92
N ALA D 145 -3.32 -1.61 12.13
CA ALA D 145 -3.19 -1.74 10.66
C ALA D 145 -2.71 -0.40 10.08
N ILE D 146 -3.31 0.70 10.52
CA ILE D 146 -2.96 2.01 10.02
C ILE D 146 -1.54 2.38 10.46
N GLU D 147 -1.23 2.13 11.74
CA GLU D 147 0.09 2.36 12.26
C GLU D 147 1.17 1.66 11.39
N GLY D 148 0.92 0.38 11.10
CA GLY D 148 1.85 -0.42 10.31
C GLY D 148 1.99 0.11 8.90
N TYR D 149 0.88 0.58 8.34
CA TYR D 149 0.87 1.20 7.00
C TYR D 149 1.78 2.43 7.00
N VAL D 150 1.67 3.28 8.03
CA VAL D 150 2.45 4.50 8.12
C VAL D 150 3.95 4.16 8.20
N LEU D 151 4.28 3.13 8.97
CA LEU D 151 5.66 2.71 9.13
C LEU D 151 6.23 2.21 7.78
N SER D 152 5.37 1.62 6.94
CA SER D 152 5.77 0.93 5.70
C SER D 152 5.80 1.86 4.48
N ASN D 153 5.24 3.06 4.61
CA ASN D 153 5.15 4.05 3.55
C ASN D 153 6.07 5.24 3.88
#